data_1DIZ
#
_entry.id   1DIZ
#
_cell.length_a   82.400
_cell.length_b   82.400
_cell.length_c   199.700
_cell.angle_alpha   90.00
_cell.angle_beta   90.00
_cell.angle_gamma   120.00
#
_symmetry.space_group_name_H-M   'P 31 2 1'
#
loop_
_entity.id
_entity.type
_entity.pdbx_description
1 polymer "DNA (5'-D(*GP*AP*CP*AP*TP*GP*AP*(NRI)P*TP*GP*CP*CP*T)-3')"
2 polymer "DNA (5'-D(*GP*GP*CP*AP*AP*TP*CP*AP*TP*GP*TP*CP*A)-3')"
3 polymer '3-METHYLADENINE DNA GLYCOSYLASE II'
4 non-polymer 'SODIUM ION'
5 water water
#
loop_
_entity_poly.entity_id
_entity_poly.type
_entity_poly.pdbx_seq_one_letter_code
_entity_poly.pdbx_strand_id
1 'polydeoxyribonucleotide' (DG)(DA)(DC)(DA)(DT)(DG)(DA)(NRI)(DT)(DG)(DC)(DC)(DT) C,E
2 'polydeoxyribonucleotide' (DG)(DG)(DC)(DA)(DA)(DT)(DC)(DA)(DT)(DG)(DT)(DC)(DA) D,F
3 'polypeptide(L)'
;MYTLNWQPPYDWSWMLGFLAARAVSSVETVADSYYARSLAVGEYRGVVTAIPDIARHTLHINLSAGLEPVAAECLAKMSR
LFDLQCNPQIVNGALGRLGAARPGLRLPGCVDAFEQGVRAILGQLVSVAMAAKLTARVAQLYGERLDDFPEYICFPTPQR
LAAADPQALKALGMPLKRAEALIHLANAALEGTLPMTIPGDVEQAMKTLQTFPGIGRWTANYFALRGWQAKDVFLPDDYL
IKQRFPGMTPAQIRRYAERWKPWRSYALLHIWYTEGWQPDEA
;
A,B
#
# COMPACT_ATOMS: atom_id res chain seq x y z
N MET E 1 5.11 -5.13 21.75
CA MET E 1 3.90 -5.99 21.81
C MET E 1 3.78 -6.97 20.65
N TYR E 2 4.26 -6.57 19.48
CA TYR E 2 4.19 -7.44 18.31
C TYR E 2 5.53 -8.05 17.97
N THR E 3 5.52 -9.24 17.41
CA THR E 3 6.77 -9.89 17.07
C THR E 3 6.75 -10.39 15.63
N LEU E 4 7.81 -10.07 14.90
CA LEU E 4 7.92 -10.48 13.53
C LEU E 4 9.21 -11.28 13.44
N ASN E 5 9.26 -12.21 12.51
CA ASN E 5 10.45 -13.04 12.34
C ASN E 5 11.28 -12.67 11.12
N TRP E 6 12.54 -13.06 11.12
CA TRP E 6 13.40 -12.80 9.98
C TRP E 6 14.27 -14.02 9.77
N GLN E 7 14.79 -14.18 8.57
CA GLN E 7 15.63 -15.34 8.26
C GLN E 7 17.12 -15.00 8.33
N PRO E 8 17.83 -15.51 9.36
CA PRO E 8 19.26 -15.26 9.54
C PRO E 8 20.01 -15.65 8.28
N PRO E 9 21.15 -14.99 8.01
CA PRO E 9 21.75 -13.91 8.80
C PRO E 9 21.16 -12.51 8.56
N TYR E 10 21.26 -11.65 9.56
CA TYR E 10 20.77 -10.27 9.43
C TYR E 10 21.74 -9.31 10.09
N ASP E 11 22.34 -8.43 9.31
CA ASP E 11 23.31 -7.49 9.86
C ASP E 11 22.65 -6.24 10.41
N TRP E 12 22.24 -6.31 11.68
CA TRP E 12 21.57 -5.20 12.33
C TRP E 12 22.42 -3.97 12.54
N SER E 13 23.73 -4.14 12.68
CA SER E 13 24.59 -2.99 12.90
C SER E 13 24.78 -2.23 11.60
N TRP E 14 24.69 -2.93 10.47
CA TRP E 14 24.83 -2.23 9.19
C TRP E 14 23.52 -1.52 8.85
N MET E 15 22.42 -2.20 9.09
CA MET E 15 21.11 -1.62 8.81
C MET E 15 20.92 -0.35 9.64
N LEU E 16 21.11 -0.47 10.95
CA LEU E 16 20.93 0.66 11.83
C LEU E 16 21.92 1.78 11.51
N GLY E 17 23.13 1.39 11.10
CA GLY E 17 24.14 2.36 10.76
C GLY E 17 23.74 3.08 9.50
N PHE E 18 23.11 2.36 8.57
CA PHE E 18 22.66 2.97 7.31
C PHE E 18 21.56 3.98 7.61
N LEU E 19 20.63 3.60 8.50
CA LEU E 19 19.52 4.48 8.85
C LEU E 19 19.96 5.62 9.74
N ALA E 20 21.04 5.42 10.47
CA ALA E 20 21.53 6.46 11.37
C ALA E 20 22.11 7.62 10.58
N ALA E 21 22.89 7.30 9.56
CA ALA E 21 23.52 8.34 8.75
C ALA E 21 22.48 9.25 8.11
N ARG E 22 21.29 8.72 7.87
CA ARG E 22 20.24 9.49 7.24
C ARG E 22 19.10 9.94 8.14
N ALA E 23 19.22 9.71 9.45
CA ALA E 23 18.18 10.07 10.39
C ALA E 23 17.84 11.55 10.43
N VAL E 24 16.55 11.85 10.39
CA VAL E 24 16.08 13.22 10.44
C VAL E 24 15.81 13.54 11.91
N SER E 25 16.43 14.62 12.39
CA SER E 25 16.26 15.04 13.77
C SER E 25 14.80 15.33 14.06
N SER E 26 14.36 14.84 15.21
CA SER E 26 13.01 15.02 15.67
C SER E 26 12.01 14.07 15.03
N VAL E 27 12.44 13.31 14.03
CA VAL E 27 11.53 12.35 13.41
C VAL E 27 11.92 10.94 13.82
N GLU E 28 13.18 10.60 13.62
CA GLU E 28 13.66 9.27 13.97
C GLU E 28 14.72 9.34 15.05
N THR E 29 14.85 8.26 15.78
CA THR E 29 15.87 8.14 16.80
C THR E 29 16.46 6.78 16.52
N VAL E 30 17.77 6.74 16.27
CA VAL E 30 18.45 5.48 15.97
C VAL E 30 19.51 5.14 17.02
N ALA E 31 19.33 4.00 17.68
CA ALA E 31 20.27 3.56 18.70
C ALA E 31 20.96 2.29 18.24
N ASP E 32 21.87 1.74 19.05
CA ASP E 32 22.55 0.52 18.64
C ASP E 32 21.63 -0.69 18.75
N SER E 33 20.75 -0.67 19.75
CA SER E 33 19.85 -1.79 19.97
C SER E 33 18.40 -1.57 19.51
N TYR E 34 18.09 -0.40 18.96
CA TYR E 34 16.70 -0.15 18.51
C TYR E 34 16.53 1.02 17.54
N TYR E 35 15.34 1.11 16.96
CA TYR E 35 15.01 2.18 16.03
C TYR E 35 13.64 2.70 16.42
N ALA E 36 13.47 4.02 16.44
CA ALA E 36 12.17 4.60 16.79
C ALA E 36 11.91 5.86 15.97
N ARG E 37 10.65 6.15 15.70
CA ARG E 37 10.34 7.32 14.92
C ARG E 37 8.84 7.59 14.99
N SER E 38 8.45 8.82 14.69
CA SER E 38 7.06 9.18 14.67
C SER E 38 6.46 8.47 13.45
N LEU E 39 5.16 8.21 13.50
CA LEU E 39 4.49 7.51 12.42
C LEU E 39 3.01 7.91 12.31
N ALA E 40 2.59 8.14 11.07
CA ALA E 40 1.21 8.54 10.83
C ALA E 40 0.54 7.65 9.81
N VAL E 41 -0.45 6.89 10.24
CA VAL E 41 -1.19 6.05 9.31
C VAL E 41 -2.54 6.72 9.16
N GLY E 42 -2.64 7.63 8.21
CA GLY E 42 -3.89 8.35 8.00
C GLY E 42 -4.04 9.34 9.13
N GLU E 43 -5.24 9.46 9.69
CA GLU E 43 -5.46 10.39 10.77
C GLU E 43 -4.87 9.89 12.08
N TYR E 44 -4.34 8.66 12.05
CA TYR E 44 -3.70 8.06 13.23
C TYR E 44 -2.21 8.41 13.28
N ARG E 45 -1.71 8.76 14.46
CA ARG E 45 -0.31 9.15 14.64
C ARG E 45 0.32 8.67 15.95
N GLY E 46 1.64 8.49 15.95
CA GLY E 46 2.29 8.02 17.16
C GLY E 46 3.75 7.65 17.00
N VAL E 47 4.27 6.91 17.97
CA VAL E 47 5.66 6.50 17.93
C VAL E 47 5.81 5.01 17.82
N VAL E 48 6.61 4.56 16.86
CA VAL E 48 6.89 3.14 16.68
C VAL E 48 8.33 2.83 17.13
N THR E 49 8.53 1.72 17.81
CA THR E 49 9.86 1.33 18.24
C THR E 49 10.15 -0.08 17.78
N ALA E 50 11.28 -0.26 17.11
CA ALA E 50 11.68 -1.56 16.61
C ALA E 50 12.95 -1.98 17.36
N ILE E 51 12.87 -3.11 18.05
CA ILE E 51 13.98 -3.63 18.84
C ILE E 51 14.29 -5.03 18.38
N PRO E 52 15.38 -5.21 17.62
CA PRO E 52 15.67 -6.57 17.18
C PRO E 52 16.08 -7.49 18.33
N ASP E 53 15.98 -8.79 18.08
CA ASP E 53 16.29 -9.83 19.05
C ASP E 53 17.11 -10.81 18.23
N ILE E 54 18.40 -10.54 18.08
CA ILE E 54 19.28 -11.40 17.29
C ILE E 54 19.21 -12.88 17.70
N ALA E 55 19.14 -13.11 19.01
CA ALA E 55 19.09 -14.47 19.54
C ALA E 55 17.95 -15.30 18.95
N ARG E 56 16.72 -14.84 19.15
CA ARG E 56 15.55 -15.56 18.64
C ARG E 56 15.11 -15.08 17.25
N HIS E 57 16.01 -14.39 16.54
CA HIS E 57 15.72 -13.82 15.22
C HIS E 57 14.30 -13.23 15.08
N THR E 58 13.98 -12.36 16.03
CA THR E 58 12.69 -11.70 16.12
C THR E 58 12.81 -10.17 16.25
N LEU E 59 11.87 -9.45 15.67
CA LEU E 59 11.86 -8.01 15.79
C LEU E 59 10.64 -7.65 16.64
N HIS E 60 10.88 -6.97 17.76
CA HIS E 60 9.79 -6.56 18.65
C HIS E 60 9.38 -5.14 18.23
N ILE E 61 8.09 -4.96 17.94
CA ILE E 61 7.55 -3.68 17.55
C ILE E 61 6.63 -3.16 18.66
N ASN E 62 6.92 -1.98 19.17
CA ASN E 62 6.09 -1.35 20.20
C ASN E 62 5.36 -0.18 19.56
N LEU E 63 4.12 0.08 19.98
CA LEU E 63 3.31 1.17 19.43
C LEU E 63 2.65 2.02 20.49
N SER E 64 2.79 3.33 20.39
CA SER E 64 2.14 4.21 21.37
C SER E 64 0.62 4.04 21.14
N ALA E 65 -0.18 4.52 22.07
CA ALA E 65 -1.65 4.37 21.97
C ALA E 65 -2.31 4.76 20.64
N GLY E 66 -2.03 5.97 20.16
CA GLY E 66 -2.62 6.44 18.93
C GLY E 66 -2.47 5.59 17.67
N LEU E 67 -1.57 4.60 17.68
CA LEU E 67 -1.38 3.75 16.50
C LEU E 67 -2.04 2.37 16.65
N GLU E 68 -2.39 2.02 17.88
CA GLU E 68 -3.02 0.73 18.16
C GLU E 68 -4.13 0.35 17.15
N PRO E 69 -5.03 1.29 16.83
CA PRO E 69 -6.10 0.96 15.88
C PRO E 69 -5.62 0.42 14.52
N VAL E 70 -4.49 0.94 14.05
CA VAL E 70 -3.91 0.54 12.78
C VAL E 70 -2.61 -0.22 12.95
N ALA E 71 -2.59 -1.12 13.93
CA ALA E 71 -1.42 -1.92 14.23
C ALA E 71 -0.81 -2.69 13.06
N ALA E 72 -1.65 -3.45 12.35
CA ALA E 72 -1.19 -4.25 11.22
C ALA E 72 -0.49 -3.40 10.16
N GLU E 73 -1.09 -2.27 9.76
CA GLU E 73 -0.43 -1.46 8.73
C GLU E 73 0.95 -1.00 9.26
N CYS E 74 1.04 -0.76 10.57
CA CYS E 74 2.31 -0.34 11.16
C CYS E 74 3.34 -1.46 11.07
N LEU E 75 2.90 -2.70 11.32
CA LEU E 75 3.80 -3.84 11.23
C LEU E 75 4.23 -4.04 9.80
N ALA E 76 3.30 -3.83 8.87
CA ALA E 76 3.59 -3.98 7.46
C ALA E 76 4.67 -2.98 7.03
N LYS E 77 4.61 -1.77 7.59
CA LYS E 77 5.59 -0.72 7.27
C LYS E 77 7.00 -1.04 7.80
N MET E 78 7.09 -1.55 9.03
CA MET E 78 8.37 -1.90 9.63
C MET E 78 8.99 -3.09 8.90
N SER E 79 8.14 -3.97 8.35
CA SER E 79 8.64 -5.12 7.62
C SER E 79 9.18 -4.71 6.26
N ARG E 80 8.69 -3.60 5.73
CA ARG E 80 9.18 -3.16 4.43
C ARG E 80 10.44 -2.31 4.62
N LEU E 81 10.52 -1.64 5.76
CA LEU E 81 11.67 -0.82 6.07
C LEU E 81 12.85 -1.75 6.34
N PHE E 82 12.63 -2.77 7.14
CA PHE E 82 13.69 -3.69 7.51
C PHE E 82 13.88 -4.92 6.63
N ASP E 83 13.12 -4.98 5.54
CA ASP E 83 13.21 -6.09 4.58
C ASP E 83 13.22 -7.46 5.25
N LEU E 84 12.16 -7.77 5.99
CA LEU E 84 12.12 -9.05 6.67
C LEU E 84 11.76 -10.21 5.76
N GLN E 85 11.33 -9.92 4.54
CA GLN E 85 10.96 -11.00 3.60
C GLN E 85 12.18 -11.68 2.98
N CYS E 86 13.31 -10.99 3.04
CA CYS E 86 14.55 -11.49 2.45
C CYS E 86 15.03 -12.89 2.84
N ASN E 87 15.33 -13.67 1.81
CA ASN E 87 15.85 -15.02 1.97
C ASN E 87 17.34 -14.90 1.58
N PRO E 88 18.20 -14.66 2.56
CA PRO E 88 19.63 -14.52 2.26
C PRO E 88 20.27 -15.73 1.53
N GLN E 89 19.89 -16.94 1.91
CA GLN E 89 20.43 -18.14 1.26
C GLN E 89 20.22 -18.15 -0.25
N ILE E 90 19.31 -17.31 -0.75
CA ILE E 90 19.03 -17.23 -2.18
C ILE E 90 19.81 -16.11 -2.87
N VAL E 91 19.80 -14.93 -2.25
CA VAL E 91 20.49 -13.76 -2.79
C VAL E 91 22.00 -13.97 -2.85
N ASN E 92 22.57 -14.48 -1.76
CA ASN E 92 23.99 -14.72 -1.71
C ASN E 92 24.38 -15.81 -2.71
N GLY E 93 23.54 -16.84 -2.79
CA GLY E 93 23.79 -17.93 -3.72
C GLY E 93 23.57 -17.47 -5.15
N ALA E 94 23.59 -16.15 -5.35
CA ALA E 94 23.41 -15.58 -6.67
C ALA E 94 24.44 -14.49 -6.96
N LEU E 95 24.84 -13.78 -5.91
CA LEU E 95 25.82 -12.71 -6.05
C LEU E 95 27.25 -13.19 -5.82
N GLY E 96 27.38 -14.47 -5.45
CA GLY E 96 28.68 -15.05 -5.21
C GLY E 96 29.59 -14.24 -4.31
N ARG E 97 30.85 -14.10 -4.73
CA ARG E 97 31.86 -13.38 -3.98
C ARG E 97 31.49 -11.93 -3.63
N LEU E 98 30.63 -11.31 -4.42
CA LEU E 98 30.22 -9.94 -4.15
C LEU E 98 29.55 -9.78 -2.80
N GLY E 99 28.84 -10.81 -2.34
CA GLY E 99 28.17 -10.71 -1.05
C GLY E 99 28.84 -11.44 0.10
N ALA E 100 29.80 -12.29 -0.23
CA ALA E 100 30.51 -13.07 0.78
C ALA E 100 30.89 -12.27 2.03
N ALA E 101 31.30 -11.02 1.83
CA ALA E 101 31.71 -10.16 2.94
C ALA E 101 30.60 -9.67 3.86
N ARG E 102 29.41 -9.45 3.32
CA ARG E 102 28.28 -8.96 4.12
C ARG E 102 26.99 -9.72 3.79
N PRO E 103 26.89 -10.99 4.24
CA PRO E 103 25.72 -11.86 4.02
C PRO E 103 24.40 -11.41 4.64
N GLY E 104 24.47 -10.73 5.79
CA GLY E 104 23.26 -10.26 6.44
C GLY E 104 22.81 -8.88 5.97
N LEU E 105 23.24 -8.52 4.77
CA LEU E 105 22.92 -7.24 4.17
C LEU E 105 21.47 -7.19 3.66
N ARG E 106 20.72 -6.18 4.08
CA ARG E 106 19.31 -6.04 3.65
C ARG E 106 19.07 -4.75 2.86
N LEU E 107 17.91 -4.66 2.21
CA LEU E 107 17.58 -3.48 1.45
C LEU E 107 16.78 -2.51 2.30
N PRO E 108 17.39 -1.40 2.74
CA PRO E 108 16.66 -0.45 3.58
C PRO E 108 15.46 0.10 2.81
N GLY E 109 14.27 -0.23 3.28
CA GLY E 109 13.08 0.25 2.59
C GLY E 109 12.65 1.58 3.15
N CYS E 110 11.36 1.81 3.25
CA CYS E 110 10.87 3.06 3.80
C CYS E 110 9.57 2.77 4.53
N VAL E 111 9.06 3.80 5.19
CA VAL E 111 7.86 3.67 5.96
C VAL E 111 6.67 4.28 5.21
N ASP E 112 6.96 5.14 4.24
CA ASP E 112 5.93 5.81 3.46
C ASP E 112 6.58 6.32 2.16
N ALA E 113 6.06 5.86 1.03
CA ALA E 113 6.63 6.19 -0.27
C ALA E 113 6.72 7.69 -0.58
N PHE E 114 5.73 8.47 -0.16
CA PHE E 114 5.81 9.89 -0.45
C PHE E 114 7.03 10.47 0.28
N GLU E 115 7.22 10.03 1.52
CA GLU E 115 8.33 10.51 2.32
C GLU E 115 9.65 10.12 1.68
N GLN E 116 9.73 8.90 1.14
CA GLN E 116 10.96 8.44 0.52
C GLN E 116 11.23 9.26 -0.74
N GLY E 117 10.17 9.70 -1.40
CA GLY E 117 10.30 10.51 -2.60
C GLY E 117 10.98 11.81 -2.21
N VAL E 118 10.41 12.49 -1.20
CA VAL E 118 10.97 13.74 -0.74
C VAL E 118 12.47 13.56 -0.56
N ARG E 119 12.80 12.59 0.28
CA ARG E 119 14.18 12.24 0.58
C ARG E 119 15.00 11.99 -0.68
N ALA E 120 14.44 11.26 -1.64
CA ALA E 120 15.15 10.96 -2.89
C ALA E 120 15.57 12.26 -3.57
N ILE E 121 14.62 13.18 -3.71
CA ILE E 121 14.83 14.46 -4.33
C ILE E 121 15.92 15.28 -3.63
N LEU E 122 15.81 15.42 -2.30
CA LEU E 122 16.80 16.18 -1.53
C LEU E 122 18.11 15.40 -1.35
N GLY E 123 18.18 14.20 -1.93
CA GLY E 123 19.39 13.40 -1.79
C GLY E 123 20.24 13.55 -3.04
N GLN E 124 19.83 14.45 -3.90
CA GLN E 124 20.55 14.70 -5.14
C GLN E 124 21.78 15.56 -4.89
N LEU E 125 22.83 15.29 -5.67
CA LEU E 125 24.09 16.04 -5.62
C LEU E 125 24.84 16.13 -4.29
N VAL E 126 24.17 16.62 -3.25
CA VAL E 126 24.84 16.81 -1.98
C VAL E 126 25.17 15.53 -1.24
N SER E 127 26.01 15.66 -0.22
CA SER E 127 26.46 14.52 0.58
C SER E 127 25.34 14.05 1.49
N VAL E 128 25.48 12.82 2.00
CA VAL E 128 24.49 12.25 2.90
C VAL E 128 24.27 13.14 4.12
N ALA E 129 25.28 13.93 4.51
CA ALA E 129 25.13 14.78 5.68
C ALA E 129 24.30 16.01 5.39
N MET E 130 24.44 16.57 4.18
CA MET E 130 23.70 17.76 3.81
C MET E 130 22.26 17.46 3.43
N ALA E 131 22.02 16.29 2.84
CA ALA E 131 20.66 15.91 2.47
C ALA E 131 19.89 15.74 3.79
N ALA E 132 20.60 15.25 4.80
CA ALA E 132 20.03 15.03 6.12
C ALA E 132 19.69 16.38 6.76
N LYS E 133 20.55 17.38 6.60
CA LYS E 133 20.26 18.68 7.16
C LYS E 133 19.07 19.28 6.40
N LEU E 134 19.04 19.13 5.08
CA LEU E 134 17.95 19.67 4.30
C LEU E 134 16.62 19.08 4.73
N THR E 135 16.56 17.75 4.79
CA THR E 135 15.34 17.07 5.18
C THR E 135 14.90 17.46 6.58
N ALA E 136 15.85 17.72 7.46
CA ALA E 136 15.52 18.13 8.82
C ALA E 136 14.86 19.51 8.74
N ARG E 137 15.44 20.41 7.95
CA ARG E 137 14.89 21.74 7.79
C ARG E 137 13.49 21.72 7.22
N VAL E 138 13.26 20.89 6.20
CA VAL E 138 11.93 20.78 5.62
C VAL E 138 10.94 20.24 6.66
N ALA E 139 11.40 19.29 7.47
CA ALA E 139 10.56 18.68 8.49
C ALA E 139 10.17 19.65 9.59
N GLN E 140 11.16 20.35 10.14
CA GLN E 140 10.94 21.31 11.21
C GLN E 140 10.00 22.44 10.76
N LEU E 141 10.04 22.72 9.47
CA LEU E 141 9.24 23.79 8.90
C LEU E 141 7.83 23.38 8.48
N TYR E 142 7.67 22.12 8.07
CA TYR E 142 6.38 21.67 7.60
C TYR E 142 5.72 20.53 8.33
N GLY E 143 6.44 19.89 9.25
CA GLY E 143 5.85 18.77 9.97
C GLY E 143 4.96 19.23 11.11
N GLU E 144 4.37 18.27 11.82
CA GLU E 144 3.53 18.54 12.97
C GLU E 144 4.12 17.77 14.16
N ARG E 145 4.22 18.39 15.32
CA ARG E 145 4.75 17.68 16.49
C ARG E 145 3.66 16.70 16.95
N LEU E 146 4.04 15.64 17.64
CA LEU E 146 3.03 14.72 18.16
C LEU E 146 2.49 15.39 19.42
N ASP E 147 1.21 15.19 19.71
CA ASP E 147 0.63 15.81 20.89
C ASP E 147 1.16 15.20 22.19
N ASP E 148 1.12 13.88 22.25
CA ASP E 148 1.53 13.10 23.42
C ASP E 148 3.01 12.71 23.50
N PHE E 149 3.80 13.10 22.50
CA PHE E 149 5.23 12.81 22.49
C PHE E 149 5.92 14.00 21.82
N PRO E 150 5.92 15.16 22.51
CA PRO E 150 6.47 16.47 22.13
C PRO E 150 7.85 16.48 21.50
N GLU E 151 8.70 15.55 21.90
CA GLU E 151 10.05 15.46 21.36
C GLU E 151 10.06 15.08 19.88
N TYR E 152 9.08 14.28 19.46
CA TYR E 152 8.97 13.83 18.07
C TYR E 152 8.16 14.76 17.18
N ILE E 153 8.37 14.68 15.88
CA ILE E 153 7.65 15.49 14.91
C ILE E 153 7.30 14.57 13.74
N CYS E 154 6.12 14.71 13.17
CA CYS E 154 5.76 13.87 12.04
C CYS E 154 6.39 14.43 10.80
N PHE E 155 6.68 13.55 9.84
CA PHE E 155 7.29 13.99 8.60
C PHE E 155 6.22 14.74 7.82
N PRO E 156 6.59 15.84 7.14
CA PRO E 156 5.64 16.63 6.35
C PRO E 156 4.70 15.77 5.50
N THR E 157 3.42 16.12 5.48
CA THR E 157 2.45 15.38 4.68
C THR E 157 2.28 16.01 3.30
N PRO E 158 1.88 15.21 2.32
CA PRO E 158 1.70 15.74 0.96
C PRO E 158 0.88 17.04 0.86
N GLN E 159 -0.26 17.11 1.53
CA GLN E 159 -1.10 18.32 1.48
C GLN E 159 -0.32 19.59 1.84
N ARG E 160 0.37 19.54 2.95
CA ARG E 160 1.19 20.66 3.41
C ARG E 160 2.29 21.03 2.39
N LEU E 161 3.02 20.04 1.89
CA LEU E 161 4.08 20.33 0.91
C LEU E 161 3.54 20.87 -0.41
N ALA E 162 2.34 20.43 -0.78
CA ALA E 162 1.72 20.90 -2.03
C ALA E 162 1.33 22.36 -1.92
N ALA E 163 1.11 22.83 -0.69
CA ALA E 163 0.72 24.21 -0.45
C ALA E 163 1.92 25.14 -0.27
N ALA E 164 3.05 24.58 0.14
CA ALA E 164 4.25 25.36 0.38
C ALA E 164 4.62 26.39 -0.71
N ASP E 165 5.37 27.40 -0.31
CA ASP E 165 5.83 28.44 -1.23
C ASP E 165 7.22 28.01 -1.72
N PRO E 166 7.41 27.90 -3.06
CA PRO E 166 8.72 27.48 -3.58
C PRO E 166 9.88 28.23 -2.95
N GLN E 167 9.78 29.56 -2.89
CA GLN E 167 10.85 30.37 -2.31
C GLN E 167 11.11 30.02 -0.84
N ALA E 168 10.06 29.62 -0.12
CA ALA E 168 10.18 29.23 1.29
C ALA E 168 11.03 27.98 1.46
N LEU E 169 10.93 27.06 0.51
CA LEU E 169 11.72 25.83 0.57
C LEU E 169 13.15 26.12 0.12
N LYS E 170 13.29 26.94 -0.92
CA LYS E 170 14.57 27.35 -1.49
C LYS E 170 15.45 27.96 -0.40
N ALA E 171 14.88 28.95 0.29
CA ALA E 171 15.58 29.65 1.37
C ALA E 171 16.03 28.70 2.48
N LEU E 172 15.86 27.38 2.27
CA LEU E 172 16.30 26.42 3.27
C LEU E 172 17.66 25.88 2.86
N GLY E 173 18.08 26.22 1.64
CA GLY E 173 19.38 25.77 1.18
C GLY E 173 19.36 24.84 -0.02
N MET E 174 18.27 24.85 -0.79
CA MET E 174 18.16 23.99 -1.96
C MET E 174 17.82 24.77 -3.22
N PRO E 175 18.20 24.23 -4.37
CA PRO E 175 17.91 24.90 -5.64
C PRO E 175 16.39 24.99 -5.84
N LEU E 176 15.93 26.02 -6.54
CA LEU E 176 14.50 26.22 -6.76
C LEU E 176 13.87 25.06 -7.52
N LYS E 177 14.61 24.48 -8.45
CA LYS E 177 14.11 23.34 -9.23
C LYS E 177 13.77 22.20 -8.28
N ARG E 178 14.60 22.04 -7.25
CA ARG E 178 14.47 20.98 -6.25
C ARG E 178 13.22 21.24 -5.42
N ALA E 179 13.07 22.49 -4.98
CA ALA E 179 11.92 22.91 -4.20
C ALA E 179 10.65 22.68 -5.01
N GLU E 180 10.65 23.09 -6.28
CA GLU E 180 9.47 22.90 -7.11
C GLU E 180 9.15 21.44 -7.31
N ALA E 181 10.20 20.62 -7.39
CA ALA E 181 10.05 19.19 -7.58
C ALA E 181 9.27 18.55 -6.42
N LEU E 182 9.54 19.01 -5.20
CA LEU E 182 8.88 18.49 -4.00
C LEU E 182 7.40 18.84 -4.05
N ILE E 183 7.12 20.06 -4.49
CA ILE E 183 5.75 20.54 -4.57
C ILE E 183 4.96 19.74 -5.59
N HIS E 184 5.62 19.35 -6.68
CA HIS E 184 4.95 18.55 -7.68
C HIS E 184 4.75 17.12 -7.17
N LEU E 185 5.77 16.58 -6.50
CA LEU E 185 5.68 15.22 -5.97
C LEU E 185 4.52 15.12 -5.00
N ALA E 186 4.34 16.14 -4.17
CA ALA E 186 3.27 16.17 -3.21
C ALA E 186 1.89 16.19 -3.87
N ASN E 187 1.78 16.89 -5.00
CA ASN E 187 0.52 16.94 -5.73
C ASN E 187 0.19 15.64 -6.43
N ALA E 188 1.23 14.83 -6.67
CA ALA E 188 1.05 13.55 -7.33
C ALA E 188 0.53 12.57 -6.30
N ALA E 189 1.04 12.72 -5.07
CA ALA E 189 0.64 11.91 -3.95
C ALA E 189 -0.80 12.22 -3.61
N LEU E 190 -1.12 13.51 -3.54
CA LEU E 190 -2.47 13.96 -3.24
C LEU E 190 -3.48 13.29 -4.16
N GLU E 191 -3.24 13.36 -5.47
CA GLU E 191 -4.17 12.77 -6.41
C GLU E 191 -3.97 11.29 -6.72
N GLY E 192 -2.86 10.71 -6.26
CA GLY E 192 -2.62 9.30 -6.50
C GLY E 192 -1.74 8.99 -7.70
N THR E 193 -1.07 10.00 -8.25
CA THR E 193 -0.19 9.79 -9.40
C THR E 193 1.14 9.18 -8.96
N LEU E 194 1.36 9.07 -7.65
CA LEU E 194 2.61 8.52 -7.16
C LEU E 194 2.39 7.11 -6.59
N PRO E 195 2.80 6.07 -7.35
CA PRO E 195 2.64 4.68 -6.91
C PRO E 195 3.21 4.52 -5.50
N MET E 196 2.35 4.22 -4.53
CA MET E 196 2.78 4.08 -3.14
C MET E 196 3.36 2.71 -2.83
N THR E 197 3.18 1.78 -3.76
CA THR E 197 3.69 0.42 -3.61
C THR E 197 4.20 -0.02 -4.97
N ILE E 198 5.09 -1.01 -4.98
CA ILE E 198 5.68 -1.49 -6.22
C ILE E 198 4.62 -1.92 -7.24
N PRO E 199 4.71 -1.38 -8.46
CA PRO E 199 3.79 -1.70 -9.56
C PRO E 199 4.24 -2.92 -10.37
N GLY E 200 3.35 -3.42 -11.23
CA GLY E 200 3.69 -4.59 -12.04
C GLY E 200 4.81 -4.41 -13.05
N ASP E 201 4.95 -3.21 -13.59
CA ASP E 201 5.99 -2.92 -14.58
C ASP E 201 6.88 -1.81 -14.02
N VAL E 202 7.79 -2.16 -13.13
CA VAL E 202 8.69 -1.20 -12.51
C VAL E 202 9.34 -0.28 -13.54
N GLU E 203 9.85 -0.88 -14.61
CA GLU E 203 10.50 -0.11 -15.66
C GLU E 203 9.57 0.96 -16.21
N GLN E 204 8.37 0.56 -16.61
CA GLN E 204 7.40 1.51 -17.15
C GLN E 204 7.06 2.57 -16.10
N ALA E 205 6.98 2.13 -14.85
CA ALA E 205 6.66 3.02 -13.75
C ALA E 205 7.71 4.09 -13.60
N MET E 206 8.97 3.67 -13.59
CA MET E 206 10.09 4.61 -13.46
C MET E 206 10.09 5.58 -14.62
N LYS E 207 9.84 5.05 -15.81
CA LYS E 207 9.80 5.84 -17.03
C LYS E 207 8.82 7.00 -16.87
N THR E 208 7.70 6.75 -16.19
CA THR E 208 6.70 7.77 -15.99
C THR E 208 7.08 8.72 -14.86
N LEU E 209 7.70 8.18 -13.81
CA LEU E 209 8.15 9.02 -12.71
C LEU E 209 9.20 9.98 -13.27
N GLN E 210 9.86 9.57 -14.34
CA GLN E 210 10.86 10.44 -14.96
C GLN E 210 10.27 11.58 -15.77
N THR E 211 8.95 11.69 -15.83
CA THR E 211 8.35 12.81 -16.58
C THR E 211 8.03 13.95 -15.63
N PHE E 212 8.10 13.67 -14.33
CA PHE E 212 7.83 14.68 -13.29
C PHE E 212 8.97 15.68 -13.29
N PRO E 213 8.69 16.93 -12.93
CA PRO E 213 9.81 17.87 -12.92
C PRO E 213 10.78 17.55 -11.78
N GLY E 214 12.05 17.88 -11.97
CA GLY E 214 13.05 17.63 -10.94
C GLY E 214 13.38 16.18 -10.67
N ILE E 215 12.73 15.24 -11.36
CA ILE E 215 13.04 13.83 -11.14
C ILE E 215 13.65 13.22 -12.38
N GLY E 216 14.89 12.77 -12.25
CA GLY E 216 15.60 12.16 -13.36
C GLY E 216 15.84 10.68 -13.15
N ARG E 217 16.77 10.12 -13.93
CA ARG E 217 17.07 8.70 -13.86
C ARG E 217 17.59 8.23 -12.50
N TRP E 218 18.52 8.97 -11.92
CA TRP E 218 19.05 8.58 -10.60
C TRP E 218 17.94 8.56 -9.54
N THR E 219 17.15 9.63 -9.49
CA THR E 219 16.07 9.74 -8.52
C THR E 219 14.97 8.66 -8.68
N ALA E 220 14.53 8.41 -9.90
CA ALA E 220 13.50 7.41 -10.13
C ALA E 220 14.03 6.01 -9.81
N ASN E 221 15.28 5.75 -10.12
CA ASN E 221 15.84 4.44 -9.84
C ASN E 221 15.98 4.30 -8.33
N TYR E 222 16.46 5.35 -7.69
CA TYR E 222 16.68 5.32 -6.26
C TYR E 222 15.36 5.24 -5.52
N PHE E 223 14.36 5.94 -6.05
CA PHE E 223 13.04 5.90 -5.43
C PHE E 223 12.49 4.48 -5.49
N ALA E 224 12.63 3.86 -6.66
CA ALA E 224 12.12 2.51 -6.87
C ALA E 224 12.74 1.55 -5.88
N LEU E 225 14.03 1.69 -5.66
CA LEU E 225 14.76 0.82 -4.75
C LEU E 225 14.28 0.98 -3.31
N ARG E 226 14.28 2.20 -2.84
CA ARG E 226 13.89 2.51 -1.49
C ARG E 226 12.39 2.64 -1.18
N GLY E 227 11.63 3.28 -2.08
CA GLY E 227 10.21 3.48 -1.83
C GLY E 227 9.32 2.32 -2.23
N TRP E 228 9.78 1.50 -3.17
CA TRP E 228 9.03 0.34 -3.63
C TRP E 228 9.78 -0.94 -3.22
N GLN E 229 10.95 -0.78 -2.61
CA GLN E 229 11.78 -1.92 -2.22
C GLN E 229 12.01 -2.82 -3.44
N ALA E 230 12.03 -2.22 -4.64
CA ALA E 230 12.26 -2.97 -5.88
C ALA E 230 13.64 -3.65 -5.76
N LYS E 231 13.69 -4.94 -6.08
CA LYS E 231 14.92 -5.70 -5.94
C LYS E 231 15.86 -5.77 -7.12
N ASP E 232 15.45 -5.30 -8.30
CA ASP E 232 16.34 -5.41 -9.45
C ASP E 232 16.68 -4.12 -10.17
N VAL E 233 17.10 -3.10 -9.44
CA VAL E 233 17.47 -1.85 -10.07
C VAL E 233 18.90 -1.44 -9.73
N PHE E 234 19.55 -0.76 -10.66
CA PHE E 234 20.91 -0.31 -10.39
C PHE E 234 20.95 1.21 -10.58
N LEU E 235 21.91 1.86 -9.93
CA LEU E 235 22.05 3.31 -10.05
C LEU E 235 23.37 3.65 -10.75
N PRO E 236 23.40 3.48 -12.08
CA PRO E 236 24.61 3.78 -12.87
C PRO E 236 25.03 5.25 -12.88
N ASP E 237 24.08 6.15 -12.64
CA ASP E 237 24.33 7.59 -12.61
C ASP E 237 24.79 8.07 -11.23
N ASP E 238 24.93 7.15 -10.30
CA ASP E 238 25.32 7.49 -8.93
C ASP E 238 26.78 7.92 -8.82
N TYR E 239 27.02 8.98 -8.05
CA TYR E 239 28.35 9.53 -7.86
C TYR E 239 29.37 8.51 -7.31
N LEU E 240 28.93 7.65 -6.39
CA LEU E 240 29.84 6.68 -5.81
C LEU E 240 29.98 5.43 -6.68
N ILE E 241 29.03 5.22 -7.58
CA ILE E 241 29.08 4.08 -8.47
C ILE E 241 30.08 4.33 -9.59
N LYS E 242 30.06 5.53 -10.14
CA LYS E 242 30.98 5.89 -11.20
C LYS E 242 32.40 5.81 -10.69
N GLN E 243 32.53 5.99 -9.38
CA GLN E 243 33.83 5.95 -8.71
C GLN E 243 34.23 4.50 -8.45
N ARG E 244 33.26 3.59 -8.50
CA ARG E 244 33.50 2.16 -8.29
C ARG E 244 33.78 1.53 -9.65
N PHE E 245 33.34 2.22 -10.70
CA PHE E 245 33.52 1.78 -12.07
C PHE E 245 34.48 2.77 -12.76
N PRO E 246 35.74 2.83 -12.30
CA PRO E 246 36.75 3.73 -12.86
C PRO E 246 36.79 3.73 -14.38
N GLY E 247 36.52 4.88 -14.99
CA GLY E 247 36.55 4.98 -16.43
C GLY E 247 35.27 4.60 -17.14
N MET E 248 34.72 3.43 -16.82
CA MET E 248 33.49 2.97 -17.47
C MET E 248 32.36 3.99 -17.41
N THR E 249 31.61 4.08 -18.49
CA THR E 249 30.48 5.01 -18.59
C THR E 249 29.19 4.36 -18.10
N PRO E 250 28.22 5.19 -17.67
CA PRO E 250 26.92 4.71 -17.18
C PRO E 250 26.29 3.58 -18.00
N ALA E 251 26.24 3.75 -19.32
CA ALA E 251 25.66 2.71 -20.17
C ALA E 251 26.47 1.42 -20.01
N GLN E 252 27.79 1.56 -19.97
CA GLN E 252 28.66 0.39 -19.80
C GLN E 252 28.26 -0.28 -18.50
N ILE E 253 28.39 0.48 -17.40
CA ILE E 253 28.04 -0.01 -16.09
C ILE E 253 26.74 -0.80 -16.18
N ARG E 254 25.83 -0.32 -17.02
CA ARG E 254 24.53 -0.96 -17.19
C ARG E 254 24.62 -2.41 -17.66
N ARG E 255 25.19 -2.64 -18.83
CA ARG E 255 25.30 -4.00 -19.33
C ARG E 255 26.12 -4.87 -18.39
N TYR E 256 27.05 -4.24 -17.67
CA TYR E 256 27.89 -4.97 -16.74
C TYR E 256 27.11 -5.42 -15.51
N ALA E 257 26.14 -4.61 -15.08
CA ALA E 257 25.33 -4.91 -13.91
C ALA E 257 24.35 -6.05 -14.17
N GLU E 258 23.91 -6.17 -15.42
CA GLU E 258 22.96 -7.21 -15.81
C GLU E 258 23.30 -8.58 -15.22
N ARG E 259 24.58 -8.90 -15.19
CA ARG E 259 25.04 -10.18 -14.66
C ARG E 259 24.50 -10.47 -13.26
N TRP E 260 23.89 -9.47 -12.63
CA TRP E 260 23.35 -9.67 -11.28
C TRP E 260 21.84 -9.84 -11.21
N LYS E 261 21.18 -9.89 -12.37
CA LYS E 261 19.73 -10.09 -12.40
C LYS E 261 19.37 -11.38 -11.64
N PRO E 262 18.24 -11.37 -10.90
CA PRO E 262 17.30 -10.27 -10.75
C PRO E 262 17.55 -9.55 -9.42
N TRP E 263 18.77 -9.66 -8.90
CA TRP E 263 19.12 -9.06 -7.63
C TRP E 263 20.03 -7.85 -7.71
N ARG E 264 19.94 -7.09 -8.80
CA ARG E 264 20.79 -5.91 -8.96
C ARG E 264 20.76 -4.92 -7.80
N SER E 265 19.58 -4.75 -7.19
CA SER E 265 19.44 -3.82 -6.07
C SER E 265 20.35 -4.20 -4.92
N TYR E 266 20.41 -5.49 -4.63
CA TYR E 266 21.27 -5.97 -3.57
C TYR E 266 22.74 -5.80 -3.97
N ALA E 267 23.04 -5.97 -5.25
CA ALA E 267 24.41 -5.82 -5.74
C ALA E 267 24.86 -4.40 -5.54
N LEU E 268 23.99 -3.45 -5.86
CA LEU E 268 24.29 -2.04 -5.70
C LEU E 268 24.69 -1.78 -4.24
N LEU E 269 23.93 -2.35 -3.31
CA LEU E 269 24.20 -2.16 -1.90
C LEU E 269 25.54 -2.75 -1.50
N HIS E 270 25.87 -3.94 -2.00
CA HIS E 270 27.16 -4.55 -1.66
C HIS E 270 28.33 -3.75 -2.22
N ILE E 271 28.18 -3.28 -3.46
CA ILE E 271 29.21 -2.49 -4.11
C ILE E 271 29.41 -1.14 -3.40
N TRP E 272 28.33 -0.57 -2.87
CA TRP E 272 28.44 0.70 -2.17
C TRP E 272 29.28 0.50 -0.93
N TYR E 273 29.12 -0.65 -0.29
CA TYR E 273 29.87 -0.89 0.93
C TYR E 273 31.09 -1.80 0.85
N THR E 274 31.76 -1.78 -0.29
CA THR E 274 33.00 -2.55 -0.53
C THR E 274 34.06 -1.53 -0.96
N GLU E 275 34.62 -0.86 0.05
CA GLU E 275 35.62 0.18 -0.14
C GLU E 275 36.45 0.11 -1.42
N GLY E 276 37.34 -0.87 -1.54
CA GLY E 276 38.17 -0.96 -2.73
C GLY E 276 37.68 -1.84 -3.87
N TRP E 277 36.38 -2.01 -4.01
CA TRP E 277 35.85 -2.85 -5.09
C TRP E 277 36.11 -2.27 -6.47
N GLN E 278 36.23 -3.16 -7.44
CA GLN E 278 36.44 -2.78 -8.84
C GLN E 278 35.98 -3.96 -9.70
N PRO E 279 35.52 -3.67 -10.93
CA PRO E 279 35.05 -4.73 -11.84
C PRO E 279 36.12 -5.74 -12.25
N ASP E 280 35.75 -7.01 -12.27
CA ASP E 280 36.68 -8.07 -12.68
C ASP E 280 37.00 -7.89 -14.15
N GLU E 281 38.14 -7.26 -14.42
CA GLU E 281 38.58 -7.00 -15.77
C GLU E 281 38.13 -8.06 -16.77
N ALA E 282 37.33 -7.63 -17.74
CA ALA E 282 36.81 -8.53 -18.77
C ALA E 282 37.95 -9.06 -19.63
N MET F 1 -2.05 -18.22 14.59
CA MET F 1 -0.64 -17.78 14.40
C MET F 1 -0.44 -16.31 14.74
N TYR F 2 -1.43 -15.48 14.46
CA TYR F 2 -1.34 -14.04 14.73
C TYR F 2 -2.64 -13.50 15.30
N THR F 3 -2.53 -12.44 16.10
CA THR F 3 -3.73 -11.89 16.71
C THR F 3 -3.83 -10.39 16.56
N LEU F 4 -4.95 -9.94 16.04
CA LEU F 4 -5.21 -8.54 15.83
C LEU F 4 -6.39 -8.20 16.72
N ASN F 5 -6.50 -6.94 17.12
CA ASN F 5 -7.58 -6.49 17.99
C ASN F 5 -8.64 -5.74 17.23
N TRP F 6 -9.84 -5.70 17.80
CA TRP F 6 -10.93 -4.93 17.21
C TRP F 6 -11.71 -4.36 18.39
N GLN F 7 -12.31 -3.19 18.21
CA GLN F 7 -13.08 -2.60 19.31
C GLN F 7 -14.59 -2.84 19.18
N PRO F 8 -15.18 -3.52 20.18
CA PRO F 8 -16.63 -3.83 20.21
C PRO F 8 -17.49 -2.59 20.05
N PRO F 9 -18.69 -2.76 19.46
CA PRO F 9 -19.25 -4.02 18.95
C PRO F 9 -18.81 -4.39 17.52
N TYR F 10 -18.80 -5.68 17.22
CA TYR F 10 -18.45 -6.12 15.86
C TYR F 10 -19.46 -7.16 15.40
N ASP F 11 -20.15 -6.87 14.30
CA ASP F 11 -21.15 -7.79 13.77
C ASP F 11 -20.55 -8.75 12.77
N TRP F 12 -19.98 -9.83 13.28
CA TRP F 12 -19.35 -10.81 12.42
C TRP F 12 -20.33 -11.53 11.49
N SER F 13 -21.56 -11.72 11.92
CA SER F 13 -22.55 -12.40 11.08
C SER F 13 -22.89 -11.54 9.89
N TRP F 14 -22.88 -10.22 10.06
CA TRP F 14 -23.19 -9.37 8.93
C TRP F 14 -22.02 -9.29 7.96
N MET F 15 -20.81 -9.13 8.49
CA MET F 15 -19.62 -9.04 7.66
C MET F 15 -19.45 -10.31 6.81
N LEU F 16 -19.44 -11.47 7.46
CA LEU F 16 -19.28 -12.73 6.75
C LEU F 16 -20.41 -12.95 5.73
N GLY F 17 -21.61 -12.50 6.07
CA GLY F 17 -22.74 -12.65 5.17
C GLY F 17 -22.55 -11.77 3.94
N PHE F 18 -22.03 -10.57 4.15
CA PHE F 18 -21.78 -9.65 3.05
C PHE F 18 -20.74 -10.24 2.12
N LEU F 19 -19.71 -10.86 2.71
CA LEU F 19 -18.64 -11.46 1.93
C LEU F 19 -19.04 -12.80 1.32
N ALA F 20 -19.96 -13.51 1.97
CA ALA F 20 -20.34 -14.80 1.41
C ALA F 20 -21.11 -14.60 0.11
N ALA F 21 -22.03 -13.64 0.11
CA ALA F 21 -22.84 -13.37 -1.07
C ALA F 21 -21.98 -13.07 -2.30
N ARG F 22 -20.85 -12.41 -2.07
CA ARG F 22 -19.95 -12.04 -3.16
C ARG F 22 -18.75 -12.95 -3.38
N ALA F 23 -18.60 -14.00 -2.58
CA ALA F 23 -17.44 -14.89 -2.69
C ALA F 23 -17.22 -15.54 -4.05
N VAL F 24 -15.95 -15.58 -4.46
CA VAL F 24 -15.57 -16.18 -5.73
C VAL F 24 -15.20 -17.64 -5.51
N SER F 25 -15.68 -18.49 -6.42
CA SER F 25 -15.42 -19.93 -6.35
C SER F 25 -13.96 -20.27 -6.47
N SER F 26 -13.49 -21.05 -5.51
CA SER F 26 -12.11 -21.49 -5.47
C SER F 26 -11.11 -20.42 -5.09
N VAL F 27 -11.57 -19.22 -4.81
CA VAL F 27 -10.65 -18.17 -4.42
C VAL F 27 -10.83 -17.92 -2.94
N GLU F 28 -12.07 -17.83 -2.49
CA GLU F 28 -12.32 -17.60 -1.09
C GLU F 28 -13.38 -18.55 -0.55
N THR F 29 -13.20 -18.92 0.71
CA THR F 29 -14.10 -19.81 1.43
C THR F 29 -14.70 -19.06 2.60
N VAL F 30 -16.03 -18.93 2.63
CA VAL F 30 -16.69 -18.20 3.72
C VAL F 30 -17.57 -19.10 4.58
N ALA F 31 -17.23 -19.23 5.86
CA ALA F 31 -17.99 -20.06 6.79
C ALA F 31 -18.63 -19.14 7.83
N ASP F 32 -19.39 -19.71 8.75
CA ASP F 32 -20.04 -18.88 9.76
C ASP F 32 -19.05 -18.46 10.84
N SER F 33 -18.02 -19.27 11.06
CA SER F 33 -17.04 -18.94 12.08
C SER F 33 -15.69 -18.48 11.52
N TYR F 34 -15.50 -18.55 10.20
CA TYR F 34 -14.21 -18.12 9.64
C TYR F 34 -14.24 -17.69 8.19
N TYR F 35 -13.13 -17.09 7.77
CA TYR F 35 -12.96 -16.63 6.41
C TYR F 35 -11.60 -17.12 5.92
N ALA F 36 -11.55 -17.70 4.71
CA ALA F 36 -10.28 -18.16 4.15
C ALA F 36 -10.22 -17.89 2.65
N ARG F 37 -9.03 -17.58 2.14
CA ARG F 37 -8.89 -17.30 0.72
C ARG F 37 -7.44 -17.36 0.29
N SER F 38 -7.22 -17.49 -1.01
CA SER F 38 -5.88 -17.54 -1.54
C SER F 38 -5.35 -16.10 -1.47
N LEU F 39 -4.04 -15.95 -1.34
CA LEU F 39 -3.47 -14.62 -1.25
C LEU F 39 -2.07 -14.57 -1.86
N ALA F 40 -1.83 -13.52 -2.61
CA ALA F 40 -0.55 -13.35 -3.26
C ALA F 40 0.05 -11.98 -2.99
N VAL F 41 1.18 -11.97 -2.30
CA VAL F 41 1.90 -10.74 -2.00
C VAL F 41 3.22 -10.80 -2.77
N GLY F 42 3.18 -10.52 -4.06
CA GLY F 42 4.39 -10.59 -4.86
C GLY F 42 4.58 -12.01 -5.37
N GLU F 43 5.78 -12.55 -5.20
CA GLU F 43 6.01 -13.90 -5.67
C GLU F 43 5.55 -14.88 -4.61
N TYR F 44 5.10 -14.34 -3.48
CA TYR F 44 4.61 -15.15 -2.36
C TYR F 44 3.11 -15.40 -2.48
N ARG F 45 2.73 -16.65 -2.35
CA ARG F 45 1.33 -17.06 -2.47
C ARG F 45 0.96 -18.08 -1.40
N GLY F 46 -0.32 -18.15 -1.08
CA GLY F 46 -0.76 -19.10 -0.08
C GLY F 46 -2.18 -18.88 0.38
N VAL F 47 -2.52 -19.45 1.53
CA VAL F 47 -3.85 -19.33 2.07
C VAL F 47 -3.86 -18.64 3.43
N VAL F 48 -4.75 -17.66 3.58
CA VAL F 48 -4.92 -16.94 4.84
C VAL F 48 -6.27 -17.34 5.44
N THR F 49 -6.31 -17.48 6.76
CA THR F 49 -7.55 -17.83 7.42
C THR F 49 -7.78 -16.85 8.57
N ALA F 50 -8.95 -16.23 8.59
CA ALA F 50 -9.29 -15.28 9.63
C ALA F 50 -10.39 -15.96 10.43
N ILE F 51 -10.18 -16.06 11.75
CA ILE F 51 -11.13 -16.72 12.65
C ILE F 51 -11.45 -15.79 13.78
N PRO F 52 -12.60 -15.12 13.72
CA PRO F 52 -12.91 -14.21 14.84
C PRO F 52 -13.11 -14.92 16.16
N ASP F 53 -12.90 -14.17 17.24
CA ASP F 53 -13.06 -14.64 18.61
C ASP F 53 -13.84 -13.52 19.28
N ILE F 54 -15.16 -13.55 19.09
CA ILE F 54 -16.05 -12.53 19.63
C ILE F 54 -15.81 -12.13 21.09
N ALA F 55 -15.67 -13.12 21.96
CA ALA F 55 -15.47 -12.86 23.40
C ALA F 55 -14.23 -12.03 23.73
N ARG F 56 -13.08 -12.47 23.25
CA ARG F 56 -11.82 -11.77 23.51
C ARG F 56 -11.59 -10.64 22.51
N HIS F 57 -12.58 -10.38 21.67
CA HIS F 57 -12.51 -9.35 20.63
C HIS F 57 -11.18 -9.36 19.84
N THR F 58 -10.77 -10.57 19.49
CA THR F 58 -9.52 -10.82 18.79
C THR F 58 -9.67 -11.59 17.48
N LEU F 59 -8.94 -11.17 16.45
CA LEU F 59 -9.01 -11.88 15.18
C LEU F 59 -7.74 -12.73 15.00
N HIS F 60 -7.91 -14.04 14.91
CA HIS F 60 -6.79 -14.95 14.73
C HIS F 60 -6.55 -15.18 13.23
N ILE F 61 -5.32 -14.91 12.79
CA ILE F 61 -4.95 -15.09 11.39
C ILE F 61 -3.94 -16.22 11.24
N ASN F 62 -4.25 -17.20 10.38
CA ASN F 62 -3.33 -18.30 10.11
C ASN F 62 -2.80 -18.15 8.69
N LEU F 63 -1.53 -18.47 8.50
CA LEU F 63 -0.89 -18.35 7.21
C LEU F 63 -0.20 -19.64 6.81
N SER F 64 -0.36 -20.05 5.56
CA SER F 64 0.31 -21.25 5.08
C SER F 64 1.79 -20.84 4.95
N ALA F 65 2.68 -21.82 4.87
CA ALA F 65 4.12 -21.55 4.79
C ALA F 65 4.54 -20.51 3.73
N GLY F 66 3.95 -20.61 2.55
CA GLY F 66 4.28 -19.70 1.46
C GLY F 66 4.12 -18.22 1.75
N LEU F 67 3.31 -17.87 2.74
CA LEU F 67 3.09 -16.47 3.07
C LEU F 67 3.86 -15.96 4.30
N GLU F 68 4.43 -16.88 5.06
CA GLU F 68 5.16 -16.50 6.26
C GLU F 68 6.23 -15.41 6.02
N PRO F 69 6.90 -15.42 4.87
CA PRO F 69 7.91 -14.38 4.65
C PRO F 69 7.32 -12.95 4.72
N VAL F 70 6.13 -12.76 4.15
CA VAL F 70 5.48 -11.46 4.13
C VAL F 70 4.27 -11.37 5.06
N ALA F 71 4.44 -11.93 6.25
CA ALA F 71 3.42 -11.97 7.28
C ALA F 71 2.70 -10.65 7.60
N ALA F 72 3.48 -9.61 7.86
CA ALA F 72 2.91 -8.32 8.22
C ALA F 72 2.00 -7.75 7.12
N GLU F 73 2.47 -7.79 5.88
CA GLU F 73 1.67 -7.29 4.76
C GLU F 73 0.33 -8.03 4.75
N CYS F 74 0.37 -9.32 5.07
CA CYS F 74 -0.86 -10.11 5.11
C CYS F 74 -1.80 -9.65 6.22
N LEU F 75 -1.25 -9.34 7.39
CA LEU F 75 -2.09 -8.88 8.50
C LEU F 75 -2.67 -7.52 8.15
N ALA F 76 -1.87 -6.68 7.52
CA ALA F 76 -2.31 -5.37 7.12
C ALA F 76 -3.49 -5.52 6.16
N LYS F 77 -3.43 -6.52 5.28
CA LYS F 77 -4.51 -6.74 4.31
C LYS F 77 -5.84 -7.18 4.95
N MET F 78 -5.75 -8.07 5.95
CA MET F 78 -6.91 -8.57 6.66
C MET F 78 -7.56 -7.46 7.50
N SER F 79 -6.75 -6.53 7.99
CA SER F 79 -7.29 -5.46 8.79
C SER F 79 -8.02 -4.45 7.93
N ARG F 80 -7.64 -4.34 6.67
CA ARG F 80 -8.33 -3.41 5.78
C ARG F 80 -9.54 -4.10 5.19
N LEU F 81 -9.55 -5.43 5.24
CA LEU F 81 -10.70 -6.15 4.72
C LEU F 81 -11.78 -6.05 5.77
N PHE F 82 -11.45 -6.50 6.97
CA PHE F 82 -12.39 -6.53 8.09
C PHE F 82 -12.42 -5.22 8.88
N ASP F 83 -11.73 -4.20 8.35
CA ASP F 83 -11.64 -2.87 8.94
C ASP F 83 -11.68 -2.81 10.48
N LEU F 84 -10.59 -3.29 11.08
CA LEU F 84 -10.44 -3.34 12.52
C LEU F 84 -10.09 -1.99 13.13
N GLN F 85 -9.84 -0.98 12.30
CA GLN F 85 -9.49 0.36 12.79
C GLN F 85 -10.68 1.12 13.36
N CYS F 86 -11.86 0.77 12.85
CA CYS F 86 -13.11 1.42 13.23
C CYS F 86 -13.46 1.57 14.71
N ASN F 87 -13.79 2.80 15.09
CA ASN F 87 -14.21 3.07 16.46
C ASN F 87 -15.74 3.24 16.39
N PRO F 88 -16.48 2.15 16.61
CA PRO F 88 -17.94 2.22 16.56
C PRO F 88 -18.56 3.37 17.36
N GLN F 89 -18.07 3.62 18.58
CA GLN F 89 -18.59 4.72 19.41
C GLN F 89 -18.70 6.03 18.63
N ILE F 90 -17.68 6.35 17.84
CA ILE F 90 -17.65 7.58 17.06
C ILE F 90 -18.62 7.61 15.88
N VAL F 91 -18.57 6.59 15.01
CA VAL F 91 -19.45 6.51 13.85
C VAL F 91 -20.92 6.54 14.24
N ASN F 92 -21.28 5.75 15.24
CA ASN F 92 -22.66 5.70 15.71
C ASN F 92 -23.08 7.00 16.40
N GLY F 93 -22.10 7.69 16.97
CA GLY F 93 -22.37 8.95 17.64
C GLY F 93 -22.48 10.08 16.65
N ALA F 94 -22.60 9.74 15.37
CA ALA F 94 -22.73 10.74 14.32
C ALA F 94 -23.84 10.36 13.34
N LEU F 95 -24.14 9.07 13.27
CA LEU F 95 -25.17 8.57 12.36
C LEU F 95 -26.58 8.60 12.98
N GLY F 96 -26.65 8.94 14.26
CA GLY F 96 -27.94 8.97 14.92
C GLY F 96 -28.62 7.62 14.93
N ARG F 97 -29.94 7.62 14.74
CA ARG F 97 -30.72 6.38 14.74
C ARG F 97 -30.52 5.56 13.46
N LEU F 98 -29.86 6.16 12.48
CA LEU F 98 -29.60 5.47 11.22
C LEU F 98 -28.85 4.16 11.45
N GLY F 99 -27.88 4.18 12.36
CA GLY F 99 -27.13 2.97 12.64
C GLY F 99 -27.52 2.23 13.90
N ALA F 100 -28.53 2.72 14.61
CA ALA F 100 -29.00 2.10 15.85
C ALA F 100 -29.28 0.61 15.72
N ALA F 101 -29.88 0.21 14.60
CA ALA F 101 -30.23 -1.18 14.37
C ALA F 101 -29.01 -2.11 14.28
N ARG F 102 -27.96 -1.69 13.58
CA ARG F 102 -26.75 -2.51 13.45
C ARG F 102 -25.50 -1.72 13.85
N PRO F 103 -25.19 -1.67 15.16
CA PRO F 103 -24.01 -0.95 15.68
C PRO F 103 -22.65 -1.54 15.31
N GLY F 104 -22.57 -2.87 15.25
CA GLY F 104 -21.30 -3.54 14.93
C GLY F 104 -21.03 -3.61 13.43
N LEU F 105 -21.69 -2.75 12.69
CA LEU F 105 -21.55 -2.69 11.24
C LEU F 105 -20.20 -2.11 10.80
N ARG F 106 -19.45 -2.84 9.98
CA ARG F 106 -18.14 -2.39 9.49
C ARG F 106 -18.10 -2.21 7.97
N LEU F 107 -17.04 -1.55 7.50
CA LEU F 107 -16.89 -1.32 6.08
C LEU F 107 -16.09 -2.48 5.48
N PRO F 108 -16.72 -3.30 4.64
CA PRO F 108 -15.96 -4.42 4.07
C PRO F 108 -14.97 -3.83 3.11
N GLY F 109 -13.68 -4.01 3.36
CA GLY F 109 -12.69 -3.45 2.47
C GLY F 109 -12.30 -4.45 1.41
N CYS F 110 -11.02 -4.55 1.13
CA CYS F 110 -10.56 -5.51 0.15
C CYS F 110 -9.16 -5.97 0.54
N VAL F 111 -8.68 -6.98 -0.18
CA VAL F 111 -7.38 -7.52 0.11
C VAL F 111 -6.34 -7.01 -0.90
N ASP F 112 -6.81 -6.48 -2.02
CA ASP F 112 -5.96 -5.94 -3.09
C ASP F 112 -6.80 -5.04 -3.98
N ALA F 113 -6.36 -3.79 -4.12
CA ALA F 113 -7.06 -2.79 -4.91
C ALA F 113 -7.30 -3.16 -6.38
N PHE F 114 -6.37 -3.86 -7.01
CA PHE F 114 -6.61 -4.21 -8.39
C PHE F 114 -7.74 -5.23 -8.46
N GLU F 115 -7.74 -6.17 -7.53
CA GLU F 115 -8.77 -7.20 -7.50
C GLU F 115 -10.13 -6.56 -7.26
N GLN F 116 -10.15 -5.52 -6.44
CA GLN F 116 -11.40 -4.83 -6.13
C GLN F 116 -11.94 -4.07 -7.33
N GLY F 117 -11.04 -3.49 -8.14
CA GLY F 117 -11.47 -2.76 -9.31
C GLY F 117 -12.14 -3.72 -10.26
N VAL F 118 -11.53 -4.89 -10.44
CA VAL F 118 -12.09 -5.91 -11.31
C VAL F 118 -13.53 -6.15 -10.89
N ARG F 119 -13.71 -6.50 -9.62
CA ARG F 119 -15.01 -6.75 -9.04
C ARG F 119 -15.98 -5.58 -9.20
N ALA F 120 -15.48 -4.35 -9.04
CA ALA F 120 -16.34 -3.16 -9.16
C ALA F 120 -16.88 -3.07 -10.59
N ILE F 121 -16.04 -3.40 -11.56
CA ILE F 121 -16.44 -3.36 -12.95
C ILE F 121 -17.48 -4.44 -13.25
N LEU F 122 -17.17 -5.68 -12.88
CA LEU F 122 -18.09 -6.79 -13.09
C LEU F 122 -19.34 -6.66 -12.21
N GLY F 123 -19.37 -5.65 -11.36
CA GLY F 123 -20.51 -5.47 -10.48
C GLY F 123 -21.58 -4.59 -11.09
N GLN F 124 -21.20 -3.84 -12.12
CA GLN F 124 -22.13 -2.96 -12.81
C GLN F 124 -23.38 -3.70 -13.32
N LEU F 125 -24.50 -2.99 -13.30
CA LEU F 125 -25.78 -3.50 -13.79
C LEU F 125 -26.36 -4.79 -13.23
N VAL F 126 -25.66 -5.90 -13.44
CA VAL F 126 -26.16 -7.18 -12.99
C VAL F 126 -26.30 -7.34 -11.49
N SER F 127 -27.01 -8.36 -11.07
CA SER F 127 -27.23 -8.62 -9.66
C SER F 127 -25.97 -9.19 -9.03
N VAL F 128 -25.91 -9.12 -7.71
CA VAL F 128 -24.78 -9.62 -6.94
C VAL F 128 -24.47 -11.07 -7.33
N ALA F 129 -25.50 -11.89 -7.49
CA ALA F 129 -25.31 -13.29 -7.84
C ALA F 129 -24.66 -13.45 -9.21
N MET F 130 -25.05 -12.59 -10.15
CA MET F 130 -24.53 -12.62 -11.51
C MET F 130 -23.10 -12.11 -11.57
N ALA F 131 -22.80 -11.09 -10.78
CA ALA F 131 -21.47 -10.52 -10.74
C ALA F 131 -20.50 -11.55 -10.18
N ALA F 132 -21.01 -12.35 -9.24
CA ALA F 132 -20.20 -13.39 -8.62
C ALA F 132 -19.90 -14.46 -9.65
N LYS F 133 -20.86 -14.77 -10.52
CA LYS F 133 -20.59 -15.76 -11.54
C LYS F 133 -19.53 -15.22 -12.52
N LEU F 134 -19.73 -14.00 -13.01
CA LEU F 134 -18.75 -13.44 -13.94
C LEU F 134 -17.33 -13.49 -13.38
N THR F 135 -17.17 -13.04 -12.14
CA THR F 135 -15.87 -13.01 -11.51
C THR F 135 -15.26 -14.40 -11.39
N ALA F 136 -16.08 -15.39 -11.06
CA ALA F 136 -15.61 -16.76 -10.96
C ALA F 136 -15.09 -17.19 -12.34
N ARG F 137 -15.90 -16.99 -13.38
CA ARG F 137 -15.47 -17.36 -14.74
C ARG F 137 -14.13 -16.71 -15.07
N VAL F 138 -14.03 -15.41 -14.83
CA VAL F 138 -12.80 -14.70 -15.09
C VAL F 138 -11.68 -15.39 -14.31
N ALA F 139 -11.94 -15.69 -13.04
CA ALA F 139 -10.95 -16.33 -12.18
C ALA F 139 -10.50 -17.71 -12.65
N GLN F 140 -11.46 -18.52 -13.08
CA GLN F 140 -11.16 -19.89 -13.53
C GLN F 140 -10.33 -19.86 -14.81
N LEU F 141 -10.50 -18.80 -15.59
CA LEU F 141 -9.83 -18.64 -16.87
C LEU F 141 -8.50 -17.91 -16.86
N TYR F 142 -8.29 -17.02 -15.90
CA TYR F 142 -7.06 -16.23 -15.86
C TYR F 142 -6.24 -16.32 -14.59
N GLY F 143 -6.73 -17.06 -13.60
CA GLY F 143 -6.01 -17.17 -12.35
C GLY F 143 -5.14 -18.41 -12.29
N GLU F 144 -4.10 -18.37 -11.47
CA GLU F 144 -3.21 -19.51 -11.32
C GLU F 144 -3.59 -20.32 -10.07
N ARG F 145 -3.52 -21.65 -10.15
CA ARG F 145 -3.86 -22.48 -8.99
C ARG F 145 -2.69 -22.44 -8.01
N LEU F 146 -2.94 -22.72 -6.74
CA LEU F 146 -1.86 -22.73 -5.78
C LEU F 146 -1.27 -24.14 -5.83
N ASP F 147 0.05 -24.23 -5.94
CA ASP F 147 0.70 -25.53 -6.02
C ASP F 147 0.39 -26.46 -4.84
N ASP F 148 0.56 -25.94 -3.62
CA ASP F 148 0.37 -26.66 -2.36
C ASP F 148 -1.06 -26.75 -1.81
N PHE F 149 -2.01 -26.13 -2.51
CA PHE F 149 -3.42 -26.15 -2.09
C PHE F 149 -4.22 -26.02 -3.37
N PRO F 150 -4.17 -27.06 -4.23
CA PRO F 150 -4.85 -27.17 -5.53
C PRO F 150 -6.33 -26.79 -5.55
N GLU F 151 -7.00 -26.93 -4.40
CA GLU F 151 -8.42 -26.57 -4.31
C GLU F 151 -8.58 -25.06 -4.51
N TYR F 152 -7.66 -24.29 -3.96
CA TYR F 152 -7.69 -22.83 -4.09
C TYR F 152 -7.06 -22.32 -5.37
N ILE F 153 -7.58 -21.21 -5.88
CA ILE F 153 -7.05 -20.59 -7.09
C ILE F 153 -6.80 -19.12 -6.79
N CYS F 154 -5.68 -18.58 -7.25
CA CYS F 154 -5.37 -17.17 -7.03
C CYS F 154 -6.13 -16.30 -7.98
N PHE F 155 -6.54 -15.13 -7.48
CA PHE F 155 -7.27 -14.18 -8.26
C PHE F 155 -6.36 -13.71 -9.38
N PRO F 156 -6.88 -13.57 -10.61
CA PRO F 156 -6.11 -13.14 -11.78
C PRO F 156 -5.24 -11.90 -11.49
N THR F 157 -3.98 -11.96 -11.90
CA THR F 157 -3.05 -10.85 -11.70
C THR F 157 -3.12 -9.87 -12.85
N PRO F 158 -2.75 -8.62 -12.60
CA PRO F 158 -2.77 -7.56 -13.62
C PRO F 158 -2.10 -7.93 -14.96
N GLN F 159 -0.89 -8.50 -14.92
CA GLN F 159 -0.21 -8.84 -16.18
C GLN F 159 -1.04 -9.80 -17.02
N ARG F 160 -1.63 -10.79 -16.37
CA ARG F 160 -2.46 -11.77 -17.06
C ARG F 160 -3.69 -11.10 -17.72
N LEU F 161 -4.39 -10.23 -16.99
CA LEU F 161 -5.54 -9.58 -17.59
C LEU F 161 -5.18 -8.60 -18.70
N ALA F 162 -4.06 -7.90 -18.55
CA ALA F 162 -3.64 -6.94 -19.57
C ALA F 162 -3.37 -7.64 -20.90
N ALA F 163 -3.10 -8.95 -20.86
CA ALA F 163 -2.82 -9.70 -22.07
C ALA F 163 -4.02 -10.54 -22.52
N ALA F 164 -5.16 -10.33 -21.89
CA ALA F 164 -6.35 -11.10 -22.24
C ALA F 164 -6.97 -10.65 -23.56
N ASP F 165 -7.65 -11.57 -24.23
CA ASP F 165 -8.34 -11.29 -25.49
C ASP F 165 -9.69 -10.66 -25.11
N PRO F 166 -9.97 -9.43 -25.55
CA PRO F 166 -11.25 -8.83 -25.17
C PRO F 166 -12.44 -9.76 -25.41
N GLN F 167 -12.44 -10.42 -26.56
CA GLN F 167 -13.53 -11.35 -26.92
C GLN F 167 -13.58 -12.59 -26.02
N ALA F 168 -12.43 -13.00 -25.51
CA ALA F 168 -12.34 -14.16 -24.62
C ALA F 168 -13.10 -13.83 -23.34
N LEU F 169 -12.95 -12.60 -22.88
CA LEU F 169 -13.64 -12.13 -21.68
C LEU F 169 -15.13 -11.96 -22.00
N LYS F 170 -15.41 -11.30 -23.12
CA LYS F 170 -16.78 -11.06 -23.55
C LYS F 170 -17.54 -12.38 -23.52
N ALA F 171 -16.99 -13.35 -24.24
CA ALA F 171 -17.58 -14.68 -24.32
C ALA F 171 -18.01 -15.22 -22.96
N LEU F 172 -17.42 -14.70 -21.88
CA LEU F 172 -17.77 -15.18 -20.54
C LEU F 172 -19.15 -14.71 -20.12
N GLY F 173 -19.71 -13.79 -20.89
CA GLY F 173 -21.03 -13.31 -20.57
C GLY F 173 -21.10 -11.85 -20.19
N MET F 174 -20.10 -11.06 -20.61
CA MET F 174 -20.08 -9.64 -20.29
C MET F 174 -19.98 -8.78 -21.54
N PRO F 175 -20.41 -7.51 -21.45
CA PRO F 175 -20.33 -6.64 -22.62
C PRO F 175 -18.86 -6.45 -23.02
N LEU F 176 -18.61 -6.09 -24.28
CA LEU F 176 -17.25 -5.89 -24.75
C LEU F 176 -16.64 -4.68 -24.04
N LYS F 177 -17.46 -3.67 -23.79
CA LYS F 177 -17.01 -2.46 -23.11
C LYS F 177 -16.51 -2.81 -21.71
N ARG F 178 -17.20 -3.77 -21.07
CA ARG F 178 -16.88 -4.22 -19.72
C ARG F 178 -15.53 -4.95 -19.73
N ALA F 179 -15.40 -5.87 -20.66
CA ALA F 179 -14.17 -6.65 -20.81
C ALA F 179 -12.99 -5.74 -21.11
N GLU F 180 -13.19 -4.75 -21.99
CA GLU F 180 -12.10 -3.85 -22.36
C GLU F 180 -11.71 -2.95 -21.20
N ALA F 181 -12.68 -2.67 -20.35
CA ALA F 181 -12.44 -1.82 -19.19
C ALA F 181 -11.52 -2.55 -18.20
N LEU F 182 -11.63 -3.88 -18.13
CA LEU F 182 -10.80 -4.68 -17.23
C LEU F 182 -9.37 -4.69 -17.73
N ILE F 183 -9.21 -4.78 -19.05
CA ILE F 183 -7.91 -4.79 -19.69
C ILE F 183 -7.21 -3.46 -19.50
N HIS F 184 -7.97 -2.38 -19.52
CA HIS F 184 -7.37 -1.07 -19.31
C HIS F 184 -6.99 -0.92 -17.84
N LEU F 185 -7.83 -1.46 -16.96
CA LEU F 185 -7.58 -1.36 -15.53
C LEU F 185 -6.30 -2.13 -15.18
N ALA F 186 -6.12 -3.30 -15.79
CA ALA F 186 -4.94 -4.11 -15.54
C ALA F 186 -3.69 -3.36 -15.99
N ASN F 187 -3.79 -2.63 -17.09
CA ASN F 187 -2.66 -1.86 -17.58
C ASN F 187 -2.32 -0.72 -16.66
N ALA F 188 -3.33 -0.16 -16.01
CA ALA F 188 -3.10 0.95 -15.10
C ALA F 188 -2.32 0.40 -13.93
N ALA F 189 -2.72 -0.79 -13.48
CA ALA F 189 -2.07 -1.45 -12.37
C ALA F 189 -0.60 -1.70 -12.65
N LEU F 190 -0.30 -2.08 -13.89
CA LEU F 190 1.07 -2.34 -14.30
C LEU F 190 1.91 -1.07 -14.31
N GLU F 191 1.34 0.04 -14.80
CA GLU F 191 2.07 1.30 -14.85
C GLU F 191 2.09 2.04 -13.52
N GLY F 192 1.18 1.70 -12.62
CA GLY F 192 1.12 2.35 -11.33
C GLY F 192 0.10 3.47 -11.33
N THR F 193 -0.67 3.54 -12.43
CA THR F 193 -1.70 4.56 -12.62
C THR F 193 -2.96 4.30 -11.78
N LEU F 194 -2.99 3.20 -11.04
CA LEU F 194 -4.14 2.88 -10.23
C LEU F 194 -3.80 2.91 -8.73
N PRO F 195 -4.24 3.97 -8.02
CA PRO F 195 -3.96 4.09 -6.58
C PRO F 195 -4.32 2.80 -5.85
N MET F 196 -3.31 2.12 -5.33
CA MET F 196 -3.52 0.86 -4.63
C MET F 196 -3.90 1.10 -3.18
N THR F 197 -3.71 2.34 -2.73
CA THR F 197 -4.03 2.75 -1.37
C THR F 197 -4.68 4.12 -1.45
N ILE F 198 -5.52 4.45 -0.48
CA ILE F 198 -6.22 5.73 -0.49
C ILE F 198 -5.36 6.98 -0.63
N PRO F 199 -5.65 7.80 -1.65
CA PRO F 199 -4.94 9.05 -1.94
C PRO F 199 -5.36 10.22 -1.04
N GLY F 200 -4.54 11.27 -0.98
CA GLY F 200 -4.85 12.42 -0.15
C GLY F 200 -6.08 13.24 -0.55
N ASP F 201 -6.39 13.23 -1.84
CA ASP F 201 -7.54 13.96 -2.34
C ASP F 201 -8.45 12.93 -3.01
N VAL F 202 -9.23 12.21 -2.21
CA VAL F 202 -10.12 11.20 -2.74
C VAL F 202 -10.97 11.68 -3.91
N GLU F 203 -11.64 12.81 -3.78
CA GLU F 203 -12.46 13.29 -4.88
C GLU F 203 -11.68 13.42 -6.18
N GLN F 204 -10.54 14.12 -6.12
CA GLN F 204 -9.71 14.31 -7.31
C GLN F 204 -9.26 12.99 -7.91
N ALA F 205 -8.85 12.05 -7.07
CA ALA F 205 -8.42 10.75 -7.57
C ALA F 205 -9.57 10.04 -8.28
N MET F 206 -10.79 10.18 -7.76
CA MET F 206 -11.96 9.54 -8.39
C MET F 206 -12.20 10.15 -9.77
N LYS F 207 -12.02 11.46 -9.89
CA LYS F 207 -12.22 12.14 -11.16
C LYS F 207 -11.25 11.56 -12.19
N THR F 208 -10.01 11.29 -11.77
CA THR F 208 -9.02 10.71 -12.67
C THR F 208 -9.53 9.32 -13.05
N LEU F 209 -9.96 8.59 -12.04
CA LEU F 209 -10.51 7.25 -12.26
C LEU F 209 -11.62 7.24 -13.31
N GLN F 210 -12.42 8.31 -13.35
CA GLN F 210 -13.50 8.37 -14.33
C GLN F 210 -13.08 8.69 -15.77
N THR F 211 -11.77 8.78 -16.02
CA THR F 211 -11.31 9.05 -17.38
C THR F 211 -10.99 7.70 -18.02
N PHE F 212 -10.83 6.69 -17.16
CA PHE F 212 -10.53 5.32 -17.59
C PHE F 212 -11.74 4.82 -18.34
N PRO F 213 -11.53 4.14 -19.47
CA PRO F 213 -12.71 3.64 -20.18
C PRO F 213 -13.47 2.61 -19.32
N GLY F 214 -14.79 2.61 -19.44
CA GLY F 214 -15.60 1.68 -18.69
C GLY F 214 -15.83 2.02 -17.23
N ILE F 215 -15.25 3.12 -16.73
CA ILE F 215 -15.46 3.48 -15.33
C ILE F 215 -16.15 4.83 -15.16
N GLY F 216 -17.40 4.77 -14.71
CA GLY F 216 -18.16 5.96 -14.50
C GLY F 216 -18.23 6.34 -13.03
N ARG F 217 -19.21 7.18 -12.72
CA ARG F 217 -19.44 7.69 -11.38
C ARG F 217 -19.61 6.58 -10.35
N TRP F 218 -20.55 5.68 -10.63
CA TRP F 218 -20.84 4.58 -9.71
C TRP F 218 -19.61 3.71 -9.43
N THR F 219 -18.92 3.28 -10.48
CA THR F 219 -17.74 2.44 -10.32
C THR F 219 -16.57 3.09 -9.56
N ALA F 220 -16.33 4.37 -9.78
CA ALA F 220 -15.24 5.04 -9.08
C ALA F 220 -15.61 5.26 -7.63
N ASN F 221 -16.87 5.56 -7.37
CA ASN F 221 -17.30 5.78 -5.99
C ASN F 221 -17.23 4.48 -5.22
N TYR F 222 -17.73 3.42 -5.84
CA TYR F 222 -17.77 2.12 -5.21
C TYR F 222 -16.36 1.58 -5.00
N PHE F 223 -15.50 1.83 -5.98
CA PHE F 223 -14.10 1.41 -5.87
C PHE F 223 -13.42 2.06 -4.69
N ALA F 224 -13.65 3.37 -4.51
CA ALA F 224 -13.03 4.11 -3.43
C ALA F 224 -13.41 3.54 -2.08
N LEU F 225 -14.72 3.38 -1.88
CA LEU F 225 -15.24 2.87 -0.63
C LEU F 225 -14.70 1.47 -0.32
N ARG F 226 -14.64 0.63 -1.33
CA ARG F 226 -14.17 -0.73 -1.11
C ARG F 226 -12.66 -0.98 -1.30
N GLY F 227 -12.05 -0.40 -2.34
CA GLY F 227 -10.63 -0.60 -2.60
C GLY F 227 -9.71 0.31 -1.83
N TRP F 228 -10.20 1.50 -1.43
CA TRP F 228 -9.40 2.43 -0.65
C TRP F 228 -9.98 2.56 0.75
N GLN F 229 -11.09 1.86 1.00
CA GLN F 229 -11.78 1.94 2.28
C GLN F 229 -12.05 3.41 2.62
N ALA F 230 -12.32 4.22 1.60
CA ALA F 230 -12.62 5.64 1.82
C ALA F 230 -13.88 5.72 2.70
N LYS F 231 -13.82 6.50 3.77
CA LYS F 231 -14.93 6.57 4.71
C LYS F 231 -16.12 7.48 4.42
N ASP F 232 -16.06 8.33 3.40
CA ASP F 232 -17.26 9.12 3.16
C ASP F 232 -17.58 9.42 1.70
N VAL F 233 -17.95 8.36 0.99
CA VAL F 233 -18.34 8.49 -0.39
C VAL F 233 -19.75 7.92 -0.39
N PHE F 234 -20.58 8.40 -1.29
CA PHE F 234 -21.93 7.87 -1.36
C PHE F 234 -22.12 7.40 -2.79
N LEU F 235 -23.14 6.57 -3.01
CA LEU F 235 -23.44 6.06 -4.35
C LEU F 235 -24.88 6.46 -4.72
N PRO F 236 -25.09 7.77 -4.99
CA PRO F 236 -26.41 8.28 -5.35
C PRO F 236 -27.00 7.66 -6.61
N ASP F 237 -26.13 7.27 -7.52
CA ASP F 237 -26.55 6.64 -8.78
C ASP F 237 -26.57 5.11 -8.70
N ASP F 238 -26.64 4.57 -7.49
CA ASP F 238 -26.68 3.12 -7.26
C ASP F 238 -28.13 2.66 -7.41
N TYR F 239 -28.33 1.52 -8.05
CA TYR F 239 -29.67 0.97 -8.28
C TYR F 239 -30.55 0.81 -7.04
N LEU F 240 -29.97 0.36 -5.94
CA LEU F 240 -30.74 0.16 -4.71
C LEU F 240 -30.89 1.44 -3.90
N ILE F 241 -30.01 2.40 -4.13
CA ILE F 241 -30.07 3.67 -3.41
C ILE F 241 -31.18 4.55 -3.98
N LYS F 242 -31.32 4.56 -5.30
CA LYS F 242 -32.36 5.35 -5.95
C LYS F 242 -33.72 4.81 -5.52
N GLN F 243 -33.70 3.55 -5.11
CA GLN F 243 -34.88 2.82 -4.67
C GLN F 243 -35.20 3.07 -3.19
N ARG F 244 -34.17 3.47 -2.43
CA ARG F 244 -34.33 3.76 -1.01
C ARG F 244 -34.84 5.18 -0.87
N PHE F 245 -34.52 6.00 -1.87
CA PHE F 245 -34.93 7.40 -1.90
C PHE F 245 -36.02 7.50 -2.97
N PRO F 246 -37.21 6.90 -2.70
CA PRO F 246 -38.35 6.88 -3.62
C PRO F 246 -38.59 8.19 -4.36
N GLY F 247 -38.46 8.15 -5.68
CA GLY F 247 -38.68 9.32 -6.50
C GLY F 247 -37.56 10.32 -6.54
N MET F 248 -36.91 10.53 -5.41
CA MET F 248 -35.82 11.50 -5.34
C MET F 248 -34.75 11.20 -6.39
N THR F 249 -34.39 12.21 -7.19
CA THR F 249 -33.39 12.04 -8.24
C THR F 249 -31.97 11.78 -7.73
N PRO F 250 -31.15 11.08 -8.53
CA PRO F 250 -29.76 10.75 -8.21
C PRO F 250 -28.88 11.92 -7.78
N ALA F 251 -28.58 12.82 -8.71
CA ALA F 251 -27.73 13.97 -8.39
C ALA F 251 -28.35 14.86 -7.31
N GLN F 252 -29.53 14.45 -6.84
CA GLN F 252 -30.25 15.17 -5.80
C GLN F 252 -29.94 14.54 -4.45
N ILE F 253 -30.05 13.21 -4.39
CA ILE F 253 -29.78 12.44 -3.18
C ILE F 253 -28.44 12.87 -2.60
N ARG F 254 -27.60 13.45 -3.45
CA ARG F 254 -26.28 13.89 -3.06
C ARG F 254 -26.33 15.01 -2.01
N ARG F 255 -27.20 15.99 -2.20
CA ARG F 255 -27.30 17.09 -1.25
C ARG F 255 -27.89 16.65 0.08
N TYR F 256 -28.66 15.56 0.05
CA TYR F 256 -29.28 15.02 1.26
C TYR F 256 -28.30 14.17 2.06
N ALA F 257 -27.38 13.50 1.36
CA ALA F 257 -26.38 12.65 2.00
C ALA F 257 -25.40 13.45 2.88
N GLU F 258 -25.19 14.72 2.54
CA GLU F 258 -24.28 15.59 3.30
C GLU F 258 -24.47 15.52 4.80
N ARG F 259 -25.70 15.38 5.25
CA ARG F 259 -25.95 15.35 6.69
C ARG F 259 -25.15 14.28 7.43
N TRP F 260 -24.66 13.27 6.70
CA TRP F 260 -23.89 12.19 7.32
C TRP F 260 -22.38 12.35 7.23
N LYS F 261 -21.93 13.47 6.68
CA LYS F 261 -20.50 13.75 6.58
C LYS F 261 -19.91 13.68 7.99
N PRO F 262 -18.67 13.19 8.12
CA PRO F 262 -17.76 12.70 7.09
C PRO F 262 -17.79 11.18 7.09
N TRP F 263 -18.95 10.63 7.39
CA TRP F 263 -19.14 9.19 7.48
C TRP F 263 -20.15 8.66 6.48
N ARG F 264 -20.25 9.28 5.32
CA ARG F 264 -21.22 8.84 4.33
C ARG F 264 -21.09 7.36 3.91
N SER F 265 -19.86 6.84 3.87
CA SER F 265 -19.63 5.44 3.50
C SER F 265 -20.37 4.49 4.42
N TYR F 266 -20.27 4.75 5.71
CA TYR F 266 -20.96 3.95 6.72
C TYR F 266 -22.48 4.13 6.57
N ALA F 267 -22.91 5.35 6.26
CA ALA F 267 -24.34 5.62 6.12
C ALA F 267 -24.87 4.86 4.91
N LEU F 268 -24.06 4.80 3.87
CA LEU F 268 -24.44 4.09 2.67
C LEU F 268 -24.73 2.64 3.02
N LEU F 269 -23.88 2.04 3.85
CA LEU F 269 -24.05 0.65 4.24
C LEU F 269 -25.27 0.42 5.12
N HIS F 270 -25.61 1.40 5.96
CA HIS F 270 -26.77 1.23 6.81
C HIS F 270 -28.06 1.30 5.99
N ILE F 271 -28.11 2.21 5.03
CA ILE F 271 -29.28 2.38 4.18
C ILE F 271 -29.50 1.14 3.29
N TRP F 272 -28.42 0.52 2.83
CA TRP F 272 -28.54 -0.68 2.00
C TRP F 272 -29.16 -1.80 2.81
N TYR F 273 -28.80 -1.87 4.09
CA TYR F 273 -29.32 -2.94 4.94
C TYR F 273 -30.45 -2.56 5.88
N THR F 274 -31.27 -1.60 5.44
CA THR F 274 -32.45 -1.16 6.19
C THR F 274 -33.64 -1.23 5.23
N GLU F 275 -34.15 -2.44 5.09
CA GLU F 275 -35.26 -2.80 4.23
C GLU F 275 -36.26 -1.68 3.90
N GLY F 276 -37.08 -1.26 4.87
CA GLY F 276 -38.06 -0.23 4.57
C GLY F 276 -37.71 1.22 4.87
N TRP F 277 -36.45 1.58 4.69
CA TRP F 277 -36.00 2.94 4.96
C TRP F 277 -36.48 3.96 3.93
N GLN F 278 -36.61 5.20 4.36
CA GLN F 278 -37.03 6.32 3.51
C GLN F 278 -36.46 7.61 4.11
N PRO F 279 -36.24 8.63 3.29
CA PRO F 279 -35.70 9.89 3.79
C PRO F 279 -36.68 10.60 4.72
N ASP F 280 -36.15 11.33 5.70
CA ASP F 280 -36.99 12.07 6.63
C ASP F 280 -37.46 13.34 5.93
N GLU F 281 -38.69 13.33 5.43
CA GLU F 281 -39.22 14.51 4.75
C GLU F 281 -38.98 15.74 5.64
N ALA F 282 -38.56 16.83 5.02
CA ALA F 282 -38.29 18.07 5.74
C ALA F 282 -39.51 18.56 6.52
#